data_9I6S
#
_entry.id   9I6S
#
_cell.length_a   82.960
_cell.length_b   113.103
_cell.length_c   62.965
_cell.angle_alpha   90.00
_cell.angle_beta   90.00
_cell.angle_gamma   90.00
#
_symmetry.space_group_name_H-M   'C 2 2 21'
#
loop_
_entity.id
_entity.type
_entity.pdbx_description
1 polymer '14-3-3 protein sigma'
2 polymer 'Estrogen receptor'
3 non-polymer 2-chloranyl-~{N}-[4-[3-[(2-chloranyl-6-methyl-phenyl)amino]-6-methyl-imidazo[1,2-a]pyridin-2-yl]phenyl]ethanamide
4 non-polymer 'CALCIUM ION'
5 water water
#
loop_
_entity_poly.entity_id
_entity_poly.type
_entity_poly.pdbx_seq_one_letter_code
_entity_poly.pdbx_strand_id
1 'polypeptide(L)'
;GAMGSMERASLIQKAKLAEQAERYEDMAAFMKGAVEKGEELSCEERNLLSVAYKNVVGGQRAAWRVLSSIEQKSNEEGSE
EKGPEVREYREKVETELQGVCDTVLGLLDSHLIKEAGDAESRVFYLKMKGDYYRYLAEVATGDDKKRIIDSARSAYQEAM
DISKKEMPPTNPIRLGLALNFSVFHYEIANSPEEAISLAKTTFDEAMADLHTLSEDSYKDSTLIMQLLRDNLTLWT
;
A
2 'polypeptide(L)' FPA(TPO)V B
#
loop_
_chem_comp.id
_chem_comp.type
_chem_comp.name
_chem_comp.formula
A1I0P non-polymer 2-chloranyl-~{N}-[4-[3-[(2-chloranyl-6-methyl-phenyl)amino]-6-methyl-imidazo[1,2-a]pyridin-2-yl]phenyl]ethanamide 'C23 H20 Cl2 N4 O'
CA non-polymer 'CALCIUM ION' 'Ca 2'
#
# COMPACT_ATOMS: atom_id res chain seq x y z
N GLY A 1 16.45 -11.25 14.22
CA GLY A 1 17.43 -10.40 13.55
C GLY A 1 18.09 -9.44 14.55
N ALA A 2 18.30 -8.18 14.12
CA ALA A 2 18.80 -7.13 14.98
C ALA A 2 17.90 -6.91 16.19
N MET A 3 16.58 -7.17 16.04
CA MET A 3 15.64 -6.94 17.12
C MET A 3 15.36 -8.22 17.91
N GLY A 4 16.14 -9.28 17.66
CA GLY A 4 15.90 -10.56 18.27
C GLY A 4 15.96 -10.61 19.79
N SER A 5 16.74 -9.70 20.37
CA SER A 5 16.88 -9.65 21.81
C SER A 5 15.89 -8.75 22.52
N MET A 6 15.06 -8.00 21.80
CA MET A 6 14.11 -7.10 22.42
C MET A 6 12.75 -7.77 22.58
N GLU A 7 12.10 -7.54 23.73
CA GLU A 7 10.75 -8.08 23.94
C GLU A 7 9.78 -7.58 22.88
N ARG A 8 8.81 -8.45 22.51
CA ARG A 8 7.76 -8.05 21.60
C ARG A 8 7.02 -6.78 22.07
N ALA A 9 6.65 -6.74 23.35
CA ALA A 9 5.88 -5.61 23.83
C ALA A 9 6.72 -4.31 23.76
N SER A 10 8.02 -4.42 24.04
CA SER A 10 8.92 -3.26 23.96
C SER A 10 9.06 -2.78 22.53
N LEU A 11 9.12 -3.69 21.55
CA LEU A 11 9.11 -3.32 20.16
C LEU A 11 7.88 -2.51 19.76
N ILE A 12 6.69 -2.99 20.20
CA ILE A 12 5.45 -2.29 19.93
CA ILE A 12 5.46 -2.27 19.89
C ILE A 12 5.45 -0.90 20.58
N GLN A 13 5.85 -0.85 21.84
CA GLN A 13 5.93 0.42 22.55
C GLN A 13 6.84 1.42 21.81
N LYS A 14 8.00 0.93 21.35
CA LYS A 14 8.94 1.84 20.68
C LYS A 14 8.44 2.20 19.30
N ALA A 15 7.71 1.32 18.59
CA ALA A 15 7.10 1.70 17.33
C ALA A 15 6.16 2.89 17.51
N LYS A 16 5.36 2.87 18.60
CA LYS A 16 4.45 3.97 18.87
C LYS A 16 5.22 5.28 19.15
N LEU A 17 6.28 5.19 19.95
CA LEU A 17 7.14 6.37 20.16
C LEU A 17 7.74 6.91 18.85
N ALA A 18 8.22 6.00 18.01
CA ALA A 18 8.82 6.37 16.73
C ALA A 18 7.79 7.09 15.87
N GLU A 19 6.54 6.62 15.91
CA GLU A 19 5.46 7.28 15.18
C GLU A 19 5.28 8.73 15.66
N GLN A 20 5.22 8.92 16.99
CA GLN A 20 5.08 10.25 17.55
C GLN A 20 6.23 11.21 17.16
N ALA A 21 7.46 10.67 17.07
CA ALA A 21 8.66 11.41 16.67
C ALA A 21 8.84 11.49 15.16
N GLU A 22 7.93 10.94 14.36
CA GLU A 22 8.03 10.91 12.90
C GLU A 22 9.31 10.24 12.37
N ARG A 23 9.73 9.19 13.08
CA ARG A 23 10.90 8.38 12.77
C ARG A 23 10.43 7.07 12.11
N TYR A 24 9.97 7.17 10.88
CA TYR A 24 9.27 6.03 10.28
C TYR A 24 10.21 4.88 9.89
N GLU A 25 11.48 5.12 9.57
CA GLU A 25 12.41 4.02 9.36
C GLU A 25 12.61 3.21 10.64
N ASP A 26 12.75 3.88 11.78
CA ASP A 26 12.87 3.20 13.06
C ASP A 26 11.55 2.46 13.33
N MET A 27 10.42 3.11 13.08
CA MET A 27 9.10 2.46 13.33
C MET A 27 9.03 1.15 12.55
N ALA A 28 9.44 1.17 11.30
CA ALA A 28 9.37 0.01 10.44
C ALA A 28 10.26 -1.11 10.94
N ALA A 29 11.46 -0.77 11.38
CA ALA A 29 12.38 -1.76 11.91
C ALA A 29 11.84 -2.40 13.20
N PHE A 30 11.22 -1.61 14.07
CA PHE A 30 10.61 -2.14 15.28
C PHE A 30 9.45 -3.10 14.93
N MET A 31 8.62 -2.68 13.97
CA MET A 31 7.47 -3.55 13.63
C MET A 31 7.95 -4.80 12.90
N LYS A 32 8.96 -4.76 12.05
CA LYS A 32 9.57 -5.94 11.47
C LYS A 32 10.04 -6.89 12.55
N GLY A 33 10.68 -6.38 13.58
CA GLY A 33 11.09 -7.18 14.70
C GLY A 33 9.91 -7.84 15.40
N ALA A 34 8.85 -7.07 15.59
CA ALA A 34 7.64 -7.61 16.23
C ALA A 34 7.05 -8.73 15.37
N VAL A 35 6.92 -8.55 14.06
CA VAL A 35 6.39 -9.62 13.22
C VAL A 35 7.24 -10.87 13.33
N GLU A 36 8.57 -10.72 13.37
CA GLU A 36 9.46 -11.85 13.37
C GLU A 36 9.45 -12.61 14.69
N LYS A 37 8.75 -12.09 15.70
CA LYS A 37 8.50 -12.91 16.89
C LYS A 37 7.60 -14.13 16.66
N GLY A 38 6.84 -14.10 15.54
CA GLY A 38 6.06 -15.26 15.11
C GLY A 38 4.60 -15.28 15.50
N GLU A 39 4.19 -14.40 16.41
CA GLU A 39 2.81 -14.33 16.85
C GLU A 39 1.98 -13.50 15.87
N GLU A 40 0.70 -13.79 15.75
CA GLU A 40 -0.21 -12.97 14.98
C GLU A 40 -0.26 -11.53 15.54
N LEU A 41 -0.65 -10.57 14.68
CA LEU A 41 -0.76 -9.17 15.02
C LEU A 41 -2.22 -8.82 15.29
N SER A 42 -2.44 -8.02 16.33
CA SER A 42 -3.72 -7.41 16.60
C SER A 42 -4.07 -6.37 15.55
N CYS A 43 -5.29 -5.87 15.56
CA CYS A 43 -5.69 -4.81 14.67
CA CYS A 43 -5.71 -4.78 14.71
C CYS A 43 -4.77 -3.58 14.82
N GLU A 44 -4.55 -3.13 16.06
CA GLU A 44 -3.69 -1.98 16.30
C GLU A 44 -2.29 -2.25 15.76
N GLU A 45 -1.76 -3.43 16.01
CA GLU A 45 -0.42 -3.76 15.57
C GLU A 45 -0.31 -3.83 14.05
N ARG A 46 -1.30 -4.37 13.35
CA ARG A 46 -1.31 -4.37 11.91
C ARG A 46 -1.23 -2.94 11.38
N ASN A 47 -1.98 -2.04 12.01
CA ASN A 47 -2.01 -0.65 11.59
C ASN A 47 -0.64 -0.01 11.79
N LEU A 48 0.06 -0.35 12.87
CA LEU A 48 1.40 0.22 13.07
C LEU A 48 2.33 -0.27 11.97
N LEU A 49 2.29 -1.55 11.63
CA LEU A 49 3.10 -2.08 10.56
C LEU A 49 2.84 -1.37 9.24
N SER A 50 1.59 -1.16 8.88
CA SER A 50 1.23 -0.55 7.61
CA SER A 50 1.23 -0.55 7.62
C SER A 50 1.64 0.93 7.58
N VAL A 51 1.40 1.67 8.66
CA VAL A 51 1.78 3.09 8.70
C VAL A 51 3.28 3.23 8.49
N ALA A 52 4.07 2.40 9.16
CA ALA A 52 5.51 2.59 9.13
C ALA A 52 6.00 2.40 7.71
N TYR A 53 5.67 1.28 7.06
CA TYR A 53 6.16 1.00 5.72
C TYR A 53 5.56 1.93 4.69
N LYS A 54 4.31 2.37 4.86
CA LYS A 54 3.71 3.28 3.93
C LYS A 54 4.51 4.58 3.85
N ASN A 55 4.91 5.07 5.03
CA ASN A 55 5.66 6.31 5.09
C ASN A 55 7.07 6.14 4.54
N VAL A 56 7.73 5.02 4.85
CA VAL A 56 9.07 4.78 4.29
C VAL A 56 9.01 4.71 2.77
N VAL A 57 8.15 3.86 2.20
CA VAL A 57 8.13 3.67 0.76
C VAL A 57 7.55 4.94 0.09
N GLY A 58 6.64 5.65 0.78
CA GLY A 58 6.09 6.87 0.21
C GLY A 58 7.15 7.92 -0.05
N GLY A 59 8.10 8.05 0.88
CA GLY A 59 9.22 8.94 0.66
C GLY A 59 10.10 8.48 -0.49
N GLN A 60 10.35 7.20 -0.59
CA GLN A 60 11.14 6.65 -1.68
C GLN A 60 10.51 6.91 -3.04
N ARG A 61 9.19 6.66 -3.11
CA ARG A 61 8.47 6.89 -4.35
C ARG A 61 8.56 8.36 -4.79
N ALA A 62 8.35 9.28 -3.83
CA ALA A 62 8.42 10.69 -4.18
C ALA A 62 9.81 11.04 -4.71
N ALA A 63 10.87 10.47 -4.12
CA ALA A 63 12.24 10.80 -4.55
C ALA A 63 12.49 10.19 -5.92
N TRP A 64 12.00 8.95 -6.13
CA TRP A 64 12.16 8.29 -7.40
C TRP A 64 11.50 9.07 -8.53
N ARG A 65 10.30 9.63 -8.27
CA ARG A 65 9.60 10.40 -9.28
C ARG A 65 10.40 11.65 -9.65
N VAL A 66 10.95 12.34 -8.65
CA VAL A 66 11.78 13.52 -8.94
C VAL A 66 12.92 13.12 -9.86
N LEU A 67 13.64 12.05 -9.49
CA LEU A 67 14.84 11.65 -10.23
C LEU A 67 14.51 11.16 -11.64
N SER A 68 13.41 10.39 -11.75
CA SER A 68 12.97 9.93 -13.05
CA SER A 68 12.98 9.94 -13.06
C SER A 68 12.63 11.09 -13.99
N SER A 69 11.98 12.12 -13.45
CA SER A 69 11.67 13.29 -14.27
C SER A 69 12.92 14.00 -14.77
N ILE A 70 13.94 14.11 -13.91
CA ILE A 70 15.20 14.72 -14.33
C ILE A 70 15.84 13.86 -15.43
N GLU A 71 15.81 12.54 -15.23
CA GLU A 71 16.42 11.63 -16.20
C GLU A 71 15.72 11.71 -17.56
N GLN A 72 14.38 11.76 -17.55
CA GLN A 72 13.63 11.91 -18.78
C GLN A 72 14.00 13.19 -19.53
N LYS A 73 14.12 14.31 -18.80
CA LYS A 73 14.55 15.57 -19.39
C LYS A 73 15.96 15.51 -20.00
N SER A 74 16.86 14.77 -19.33
CA SER A 74 18.20 14.56 -19.85
C SER A 74 18.28 13.83 -21.18
N ASN A 75 17.21 13.11 -21.56
CA ASN A 75 17.18 12.34 -22.80
C ASN A 75 16.31 12.96 -23.89
N GLU A 76 15.99 14.25 -23.75
CA GLU A 76 15.28 14.99 -24.79
C GLU A 76 16.28 15.60 -25.78
N GLU A 77 15.80 15.88 -27.00
CA GLU A 77 16.63 16.52 -28.02
C GLU A 77 17.09 17.89 -27.52
N GLY A 78 18.36 18.20 -27.75
CA GLY A 78 18.92 19.49 -27.35
C GLY A 78 19.44 19.52 -25.92
N SER A 79 19.24 18.41 -25.18
CA SER A 79 19.80 18.27 -23.83
C SER A 79 21.29 17.95 -23.89
N GLU A 80 22.08 18.68 -23.09
CA GLU A 80 23.53 18.49 -23.03
C GLU A 80 23.84 17.22 -22.24
N GLU A 81 24.90 16.50 -22.64
CA GLU A 81 25.27 15.25 -21.98
C GLU A 81 25.90 15.59 -20.64
N LYS A 82 25.47 14.90 -19.58
CA LYS A 82 25.98 15.16 -18.24
C LYS A 82 26.60 13.93 -17.58
N GLY A 83 26.66 12.82 -18.35
CA GLY A 83 27.24 11.58 -17.85
C GLY A 83 26.27 10.63 -17.19
N PRO A 84 26.78 9.59 -16.51
CA PRO A 84 25.96 8.53 -15.97
C PRO A 84 25.32 8.84 -14.63
N GLU A 85 25.55 10.02 -14.03
CA GLU A 85 25.22 10.21 -12.63
C GLU A 85 23.72 10.21 -12.35
N VAL A 86 22.91 10.83 -13.20
CA VAL A 86 21.47 10.87 -12.95
C VAL A 86 20.88 9.44 -12.95
N ARG A 87 21.23 8.68 -13.98
CA ARG A 87 20.79 7.28 -14.05
C ARG A 87 21.29 6.47 -12.86
N GLU A 88 22.57 6.63 -12.48
CA GLU A 88 23.10 5.88 -11.36
C GLU A 88 22.35 6.19 -10.08
N TYR A 89 22.03 7.46 -9.82
CA TYR A 89 21.40 7.83 -8.57
C TYR A 89 19.93 7.37 -8.59
N ARG A 90 19.23 7.56 -9.70
CA ARG A 90 17.87 7.01 -9.83
C ARG A 90 17.91 5.51 -9.56
N GLU A 91 18.84 4.78 -10.13
CA GLU A 91 19.01 3.36 -9.85
C GLU A 91 19.25 3.03 -8.39
N LYS A 92 20.02 3.84 -7.67
CA LYS A 92 20.27 3.63 -6.27
C LYS A 92 18.96 3.72 -5.48
N VAL A 93 18.23 4.80 -5.70
CA VAL A 93 16.96 5.01 -5.03
C VAL A 93 15.99 3.88 -5.37
N GLU A 94 15.94 3.52 -6.66
CA GLU A 94 15.04 2.46 -7.10
C GLU A 94 15.39 1.17 -6.37
N THR A 95 16.65 0.81 -6.26
CA THR A 95 17.07 -0.44 -5.65
C THR A 95 16.68 -0.46 -4.18
N GLU A 96 16.81 0.67 -3.49
CA GLU A 96 16.42 0.78 -2.09
CA GLU A 96 16.42 0.73 -2.10
C GLU A 96 14.90 0.59 -1.95
N LEU A 97 14.14 1.23 -2.84
CA LEU A 97 12.69 1.08 -2.88
C LEU A 97 12.30 -0.37 -3.08
N GLN A 98 12.87 -1.05 -4.08
CA GLN A 98 12.61 -2.46 -4.32
C GLN A 98 12.95 -3.26 -3.09
N GLY A 99 14.00 -2.92 -2.37
CA GLY A 99 14.36 -3.68 -1.19
C GLY A 99 13.35 -3.56 -0.04
N VAL A 100 12.74 -2.39 0.12
CA VAL A 100 11.72 -2.18 1.12
C VAL A 100 10.47 -2.99 0.72
N CYS A 101 10.09 -2.94 -0.56
CA CYS A 101 8.92 -3.70 -1.02
C CYS A 101 9.20 -5.18 -0.80
N ASP A 102 10.37 -5.70 -1.11
CA ASP A 102 10.69 -7.10 -0.93
C ASP A 102 10.64 -7.48 0.55
N THR A 103 11.03 -6.57 1.43
CA THR A 103 10.99 -6.84 2.86
C THR A 103 9.55 -7.02 3.32
N VAL A 104 8.68 -6.10 2.93
CA VAL A 104 7.28 -6.19 3.35
C VAL A 104 6.64 -7.44 2.75
N LEU A 105 6.85 -7.70 1.47
CA LEU A 105 6.29 -8.89 0.85
C LEU A 105 6.80 -10.14 1.54
N GLY A 106 8.06 -10.14 1.99
CA GLY A 106 8.61 -11.26 2.72
C GLY A 106 7.93 -11.49 4.07
N LEU A 107 7.59 -10.43 4.78
CA LEU A 107 6.89 -10.55 6.05
C LEU A 107 5.49 -11.11 5.80
N LEU A 108 4.84 -10.67 4.74
CA LEU A 108 3.49 -11.17 4.45
C LEU A 108 3.57 -12.65 4.11
N ASP A 109 4.58 -13.09 3.39
CA ASP A 109 4.71 -14.47 2.98
C ASP A 109 5.28 -15.39 4.06
N SER A 110 5.91 -14.80 5.09
CA SER A 110 6.58 -15.57 6.14
C SER A 110 6.34 -14.90 7.50
N HIS A 111 5.13 -15.04 8.07
CA HIS A 111 4.05 -15.93 7.70
C HIS A 111 2.69 -15.29 7.95
N LEU A 112 2.58 -13.98 7.78
CA LEU A 112 1.40 -13.26 8.19
C LEU A 112 0.14 -13.73 7.44
N ILE A 113 0.18 -13.86 6.13
CA ILE A 113 -1.02 -14.21 5.37
C ILE A 113 -1.48 -15.63 5.70
N LYS A 114 -0.58 -16.61 5.73
CA LYS A 114 -1.03 -17.99 5.93
C LYS A 114 -1.64 -18.20 7.30
N GLU A 115 -1.32 -17.40 8.32
CA GLU A 115 -1.89 -17.56 9.64
C GLU A 115 -3.14 -16.70 9.86
N ALA A 116 -3.47 -15.84 8.87
CA ALA A 116 -4.61 -14.94 8.95
C ALA A 116 -5.90 -15.60 8.45
N GLY A 117 -6.77 -15.90 9.39
CA GLY A 117 -8.00 -16.62 9.12
C GLY A 117 -9.24 -15.76 9.14
N ASP A 118 -9.22 -14.72 9.97
CA ASP A 118 -10.37 -13.85 10.07
C ASP A 118 -10.39 -12.97 8.83
N ALA A 119 -11.56 -12.59 8.35
CA ALA A 119 -11.65 -11.87 7.10
C ALA A 119 -10.93 -10.53 7.18
N GLU A 120 -11.06 -9.85 8.32
CA GLU A 120 -10.52 -8.51 8.45
C GLU A 120 -9.00 -8.55 8.39
N SER A 121 -8.36 -9.56 9.01
CA SER A 121 -6.91 -9.63 8.93
CA SER A 121 -6.91 -9.67 8.95
C SER A 121 -6.45 -10.10 7.56
N ARG A 122 -7.09 -11.11 6.99
CA ARG A 122 -6.66 -11.62 5.71
C ARG A 122 -6.79 -10.57 4.61
N VAL A 123 -7.89 -9.82 4.60
CA VAL A 123 -8.10 -8.79 3.61
C VAL A 123 -7.06 -7.68 3.80
N PHE A 124 -6.82 -7.30 5.05
CA PHE A 124 -5.79 -6.27 5.31
C PHE A 124 -4.43 -6.68 4.73
N TYR A 125 -3.98 -7.89 4.97
CA TYR A 125 -2.68 -8.35 4.48
C TYR A 125 -2.66 -8.51 2.98
N LEU A 126 -3.73 -8.99 2.34
CA LEU A 126 -3.76 -9.13 0.91
C LEU A 126 -3.80 -7.77 0.20
N LYS A 127 -4.47 -6.80 0.79
CA LYS A 127 -4.38 -5.42 0.29
C LYS A 127 -2.93 -4.91 0.33
N MET A 128 -2.23 -5.19 1.42
CA MET A 128 -0.84 -4.76 1.49
C MET A 128 -0.08 -5.47 0.38
N LYS A 129 -0.24 -6.77 0.18
CA LYS A 129 0.46 -7.48 -0.86
C LYS A 129 0.23 -6.83 -2.22
N GLY A 130 -1.03 -6.50 -2.54
CA GLY A 130 -1.35 -5.81 -3.79
C GLY A 130 -0.59 -4.46 -3.87
N ASP A 131 -0.69 -3.69 -2.80
CA ASP A 131 -0.01 -2.38 -2.78
C ASP A 131 1.47 -2.50 -3.04
N TYR A 132 2.18 -3.39 -2.38
CA TYR A 132 3.65 -3.38 -2.54
C TYR A 132 4.06 -3.98 -3.88
N TYR A 133 3.28 -4.93 -4.47
CA TYR A 133 3.52 -5.27 -5.85
C TYR A 133 3.23 -4.11 -6.80
N ARG A 134 2.23 -3.30 -6.50
CA ARG A 134 1.93 -2.10 -7.27
C ARG A 134 3.13 -1.13 -7.25
N TYR A 135 3.69 -0.91 -6.08
CA TYR A 135 4.89 -0.04 -6.03
C TYR A 135 6.03 -0.64 -6.84
N LEU A 136 6.27 -1.96 -6.77
CA LEU A 136 7.24 -2.60 -7.66
C LEU A 136 6.92 -2.35 -9.12
N ALA A 137 5.63 -2.42 -9.48
CA ALA A 137 5.22 -2.21 -10.86
C ALA A 137 5.50 -0.79 -11.36
N GLU A 138 5.37 0.20 -10.47
CA GLU A 138 5.63 1.58 -10.84
C GLU A 138 7.04 1.80 -11.39
N VAL A 139 8.01 0.99 -10.94
CA VAL A 139 9.39 1.19 -11.35
C VAL A 139 9.91 0.10 -12.29
N ALA A 140 9.07 -0.86 -12.60
CA ALA A 140 9.43 -2.00 -13.44
C ALA A 140 9.44 -1.67 -14.92
N THR A 141 10.50 -2.14 -15.61
CA THR A 141 10.76 -1.81 -17.02
C THR A 141 11.24 -3.00 -17.85
N GLY A 142 11.47 -4.16 -17.21
CA GLY A 142 12.04 -5.32 -17.88
C GLY A 142 11.08 -6.49 -18.13
N ASP A 143 11.67 -7.68 -18.29
CA ASP A 143 10.91 -8.85 -18.74
C ASP A 143 9.96 -9.45 -17.68
N ASP A 144 9.98 -8.88 -16.48
CA ASP A 144 9.12 -9.26 -15.37
C ASP A 144 7.99 -8.29 -15.02
N LYS A 145 7.87 -7.15 -15.73
CA LYS A 145 6.82 -6.19 -15.43
C LYS A 145 5.43 -6.81 -15.51
N LYS A 146 5.21 -7.59 -16.57
CA LYS A 146 3.92 -8.26 -16.68
C LYS A 146 3.62 -9.14 -15.48
N ARG A 147 4.62 -9.93 -15.03
CA ARG A 147 4.40 -10.83 -13.91
C ARG A 147 4.19 -10.03 -12.62
N ILE A 148 4.89 -8.91 -12.43
CA ILE A 148 4.68 -8.11 -11.24
C ILE A 148 3.26 -7.54 -11.20
N ILE A 149 2.81 -7.02 -12.34
CA ILE A 149 1.45 -6.55 -12.47
C ILE A 149 0.44 -7.65 -12.14
N ASP A 150 0.68 -8.85 -12.66
CA ASP A 150 -0.26 -9.94 -12.40
C ASP A 150 -0.27 -10.33 -10.93
N SER A 151 0.87 -10.26 -10.25
CA SER A 151 0.95 -10.53 -8.83
C SER A 151 0.14 -9.52 -8.01
N ALA A 152 0.22 -8.24 -8.38
CA ALA A 152 -0.60 -7.24 -7.73
C ALA A 152 -2.09 -7.55 -7.93
N ARG A 153 -2.44 -7.72 -9.20
CA ARG A 153 -3.84 -7.99 -9.55
C ARG A 153 -4.42 -9.17 -8.77
N SER A 154 -3.65 -10.26 -8.72
CA SER A 154 -4.09 -11.48 -8.05
C SER A 154 -4.35 -11.28 -6.57
N ALA A 155 -3.44 -10.58 -5.90
CA ALA A 155 -3.61 -10.28 -4.49
C ALA A 155 -4.84 -9.42 -4.24
N TYR A 156 -4.98 -8.32 -4.99
CA TYR A 156 -6.14 -7.46 -4.84
C TYR A 156 -7.43 -8.23 -5.11
N GLN A 157 -7.43 -9.07 -6.16
CA GLN A 157 -8.66 -9.81 -6.48
C GLN A 157 -9.06 -10.76 -5.36
N GLU A 158 -8.10 -11.49 -4.78
CA GLU A 158 -8.43 -12.37 -3.65
C GLU A 158 -9.00 -11.59 -2.47
N ALA A 159 -8.41 -10.43 -2.19
CA ALA A 159 -8.91 -9.57 -1.13
C ALA A 159 -10.33 -9.09 -1.43
N MET A 160 -10.59 -8.71 -2.67
CA MET A 160 -11.91 -8.23 -3.07
C MET A 160 -12.92 -9.35 -2.89
N ASP A 161 -12.56 -10.58 -3.29
CA ASP A 161 -13.55 -11.66 -3.22
C ASP A 161 -13.93 -11.89 -1.75
N ILE A 162 -12.95 -11.96 -0.86
CA ILE A 162 -13.23 -12.11 0.57
C ILE A 162 -14.06 -10.96 1.12
N SER A 163 -13.66 -9.71 0.81
CA SER A 163 -14.33 -8.56 1.39
C SER A 163 -15.81 -8.54 0.98
N LYS A 164 -16.12 -8.89 -0.29
CA LYS A 164 -17.50 -8.85 -0.75
C LYS A 164 -18.35 -9.89 -0.02
N LYS A 165 -17.77 -11.03 0.32
CA LYS A 165 -18.53 -12.10 0.97
C LYS A 165 -18.68 -11.89 2.46
N GLU A 166 -17.67 -11.28 3.09
CA GLU A 166 -17.54 -11.28 4.54
C GLU A 166 -17.68 -9.96 5.28
N MET A 167 -17.61 -8.83 4.58
CA MET A 167 -17.62 -7.50 5.19
CA MET A 167 -17.64 -7.53 5.23
C MET A 167 -18.76 -6.67 4.64
N PRO A 168 -19.34 -5.73 5.43
CA PRO A 168 -20.34 -4.82 4.89
C PRO A 168 -19.73 -3.83 3.92
N PRO A 169 -20.55 -3.25 3.02
CA PRO A 169 -20.03 -2.35 2.00
C PRO A 169 -19.45 -1.05 2.54
N THR A 170 -19.74 -0.72 3.81
CA THR A 170 -19.19 0.46 4.45
C THR A 170 -17.90 0.18 5.25
N ASN A 171 -17.47 -1.07 5.34
CA ASN A 171 -16.30 -1.42 6.14
C ASN A 171 -15.09 -0.64 5.63
N PRO A 172 -14.35 0.10 6.48
CA PRO A 172 -13.21 0.88 6.00
C PRO A 172 -12.13 0.11 5.26
N ILE A 173 -11.84 -1.12 5.69
CA ILE A 173 -10.86 -1.93 5.00
C ILE A 173 -11.33 -2.22 3.57
N ARG A 174 -12.59 -2.68 3.47
CA ARG A 174 -13.20 -2.93 2.17
C ARG A 174 -13.12 -1.69 1.25
N LEU A 175 -13.51 -0.55 1.82
CA LEU A 175 -13.47 0.69 1.03
C LEU A 175 -12.07 1.10 0.57
N GLY A 176 -11.10 0.98 1.48
CA GLY A 176 -9.72 1.35 1.14
C GLY A 176 -9.10 0.41 0.12
N LEU A 177 -9.43 -0.89 0.24
CA LEU A 177 -9.02 -1.86 -0.75
C LEU A 177 -9.55 -1.48 -2.12
N ALA A 178 -10.86 -1.18 -2.21
CA ALA A 178 -11.45 -0.82 -3.49
C ALA A 178 -10.80 0.45 -4.09
N LEU A 179 -10.64 1.46 -3.22
CA LEU A 179 -9.94 2.68 -3.65
C LEU A 179 -8.59 2.38 -4.30
N ASN A 180 -7.81 1.54 -3.65
CA ASN A 180 -6.46 1.25 -4.15
C ASN A 180 -6.47 0.38 -5.39
N PHE A 181 -7.38 -0.64 -5.43
CA PHE A 181 -7.46 -1.48 -6.61
C PHE A 181 -7.95 -0.68 -7.81
N SER A 182 -8.85 0.27 -7.58
CA SER A 182 -9.28 1.16 -8.65
C SER A 182 -8.10 2.00 -9.19
N VAL A 183 -7.24 2.51 -8.30
CA VAL A 183 -6.02 3.19 -8.74
C VAL A 183 -5.10 2.25 -9.52
N PHE A 184 -4.92 1.01 -9.05
CA PHE A 184 -4.21 0.01 -9.82
C PHE A 184 -4.70 -0.06 -11.25
N HIS A 185 -6.02 -0.18 -11.39
CA HIS A 185 -6.56 -0.23 -12.73
C HIS A 185 -6.23 0.98 -13.59
N TYR A 186 -6.37 2.17 -13.02
CA TYR A 186 -6.13 3.40 -13.76
C TYR A 186 -4.66 3.61 -14.12
N GLU A 187 -3.79 3.43 -13.12
CA GLU A 187 -2.40 3.91 -13.23
C GLU A 187 -1.44 2.82 -13.70
N ILE A 188 -1.77 1.56 -13.45
CA ILE A 188 -0.89 0.42 -13.68
C ILE A 188 -1.36 -0.48 -14.82
N ALA A 189 -2.64 -0.87 -14.78
CA ALA A 189 -3.17 -1.81 -15.75
C ALA A 189 -3.74 -1.21 -17.03
N ASN A 190 -3.67 0.13 -17.18
CA ASN A 190 -4.20 0.78 -18.37
C ASN A 190 -5.66 0.42 -18.63
N SER A 191 -6.45 0.47 -17.55
CA SER A 191 -7.85 0.12 -17.55
C SER A 191 -8.67 1.22 -16.88
N PRO A 192 -8.71 2.46 -17.44
CA PRO A 192 -9.40 3.56 -16.78
C PRO A 192 -10.91 3.32 -16.61
N GLU A 193 -11.54 2.63 -17.55
CA GLU A 193 -12.97 2.36 -17.42
C GLU A 193 -13.26 1.42 -16.25
N GLU A 194 -12.44 0.39 -16.07
CA GLU A 194 -12.55 -0.47 -14.91
C GLU A 194 -12.35 0.31 -13.60
N ALA A 195 -11.35 1.21 -13.59
CA ALA A 195 -11.11 2.03 -12.41
C ALA A 195 -12.32 2.87 -12.01
N ILE A 196 -12.92 3.52 -13.02
CA ILE A 196 -14.06 4.37 -12.80
C ILE A 196 -15.27 3.55 -12.35
N SER A 197 -15.56 2.44 -13.02
CA SER A 197 -16.67 1.58 -12.64
CA SER A 197 -16.67 1.57 -12.64
C SER A 197 -16.55 1.09 -11.20
N LEU A 198 -15.34 0.66 -10.83
CA LEU A 198 -15.14 0.15 -9.49
C LEU A 198 -15.36 1.24 -8.45
N ALA A 199 -14.79 2.43 -8.69
CA ALA A 199 -14.94 3.52 -7.73
C ALA A 199 -16.43 3.90 -7.54
N LYS A 200 -17.14 4.02 -8.66
CA LYS A 200 -18.55 4.37 -8.64
C LYS A 200 -19.40 3.34 -7.90
N THR A 201 -19.25 2.05 -8.27
CA THR A 201 -20.04 1.00 -7.64
C THR A 201 -19.76 0.92 -6.14
N THR A 202 -18.47 1.04 -5.78
CA THR A 202 -18.09 1.01 -4.37
C THR A 202 -18.77 2.14 -3.59
N PHE A 203 -18.69 3.36 -4.16
CA PHE A 203 -19.29 4.53 -3.51
C PHE A 203 -20.78 4.33 -3.31
N ASP A 204 -21.47 3.92 -4.38
CA ASP A 204 -22.92 3.81 -4.32
C ASP A 204 -23.39 2.73 -3.35
N GLU A 205 -22.68 1.60 -3.28
CA GLU A 205 -23.09 0.53 -2.39
C GLU A 205 -22.83 0.92 -0.93
N ALA A 206 -21.76 1.73 -0.70
CA ALA A 206 -21.50 2.22 0.64
C ALA A 206 -22.58 3.22 1.06
N MET A 207 -22.95 4.13 0.16
CA MET A 207 -23.97 5.13 0.47
C MET A 207 -25.26 4.50 0.97
N ALA A 208 -25.67 3.41 0.32
CA ALA A 208 -26.90 2.73 0.65
C ALA A 208 -26.89 2.01 2.00
N ASP A 209 -25.70 1.81 2.58
CA ASP A 209 -25.55 1.13 3.86
C ASP A 209 -25.22 2.06 5.03
N LEU A 210 -25.03 3.36 4.75
CA LEU A 210 -24.67 4.31 5.80
C LEU A 210 -25.70 4.38 6.94
N HIS A 211 -26.98 4.18 6.60
CA HIS A 211 -28.06 4.26 7.58
C HIS A 211 -27.89 3.29 8.76
N THR A 212 -27.09 2.23 8.57
CA THR A 212 -26.90 1.19 9.59
C THR A 212 -25.87 1.57 10.65
N LEU A 213 -25.13 2.68 10.42
CA LEU A 213 -23.93 3.00 11.17
C LEU A 213 -24.15 3.97 12.33
N SER A 214 -23.31 3.81 13.36
CA SER A 214 -23.16 4.79 14.41
C SER A 214 -22.54 6.07 13.87
N GLU A 215 -22.59 7.14 14.68
CA GLU A 215 -21.97 8.40 14.31
C GLU A 215 -20.48 8.25 14.00
N ASP A 216 -19.74 7.52 14.84
CA ASP A 216 -18.31 7.40 14.62
C ASP A 216 -17.97 6.53 13.42
N SER A 217 -18.75 5.45 13.19
CA SER A 217 -18.52 4.60 12.03
C SER A 217 -18.86 5.37 10.74
N TYR A 218 -19.95 6.15 10.82
CA TYR A 218 -20.33 7.00 9.69
C TYR A 218 -19.21 7.96 9.28
N LYS A 219 -18.58 8.58 10.27
CA LYS A 219 -17.46 9.46 9.98
C LYS A 219 -16.33 8.76 9.24
N ASP A 220 -15.91 7.57 9.72
CA ASP A 220 -14.84 6.82 9.08
C ASP A 220 -15.19 6.46 7.63
N SER A 221 -16.38 5.91 7.42
CA SER A 221 -16.76 5.44 6.09
C SER A 221 -16.89 6.60 5.09
N THR A 222 -17.49 7.72 5.54
CA THR A 222 -17.68 8.85 4.65
C THR A 222 -16.36 9.53 4.25
N LEU A 223 -15.37 9.50 5.16
CA LEU A 223 -14.06 10.00 4.82
C LEU A 223 -13.45 9.25 3.63
N ILE A 224 -13.52 7.93 3.65
CA ILE A 224 -12.96 7.15 2.54
C ILE A 224 -13.82 7.31 1.28
N MET A 225 -15.14 7.39 1.46
CA MET A 225 -16.01 7.62 0.31
C MET A 225 -15.64 8.92 -0.41
N GLN A 226 -15.26 9.94 0.35
CA GLN A 226 -14.84 11.18 -0.25
C GLN A 226 -13.58 11.02 -1.12
N LEU A 227 -12.66 10.13 -0.73
CA LEU A 227 -11.50 9.83 -1.56
C LEU A 227 -11.88 9.16 -2.90
N LEU A 228 -12.87 8.24 -2.84
CA LEU A 228 -13.41 7.66 -4.06
C LEU A 228 -13.95 8.77 -4.97
N ARG A 229 -14.75 9.67 -4.40
CA ARG A 229 -15.32 10.79 -5.15
C ARG A 229 -14.24 11.68 -5.73
N ASP A 230 -13.18 11.96 -4.95
CA ASP A 230 -12.10 12.79 -5.44
C ASP A 230 -11.43 12.19 -6.66
N ASN A 231 -11.20 10.87 -6.63
CA ASN A 231 -10.61 10.21 -7.78
C ASN A 231 -11.55 10.24 -8.97
N LEU A 232 -12.85 9.93 -8.76
CA LEU A 232 -13.81 10.05 -9.84
C LEU A 232 -13.80 11.44 -10.48
N THR A 233 -13.71 12.49 -9.66
CA THR A 233 -13.67 13.84 -10.19
C THR A 233 -12.39 14.10 -11.02
N LEU A 234 -11.26 13.56 -10.57
CA LEU A 234 -10.01 13.65 -11.30
C LEU A 234 -10.09 12.94 -12.67
N TRP A 235 -10.85 11.84 -12.72
CA TRP A 235 -10.83 10.97 -13.89
C TRP A 235 -11.94 11.22 -14.91
N THR A 236 -12.93 12.05 -14.53
CA THR A 236 -14.10 12.32 -15.36
C THR A 236 -14.26 13.85 -15.62
N PHE B 1 -1.49 13.06 -8.55
CA PHE B 1 -1.63 11.62 -8.31
C PHE B 1 -2.95 11.34 -7.63
N PRO B 2 -3.59 10.19 -7.92
CA PRO B 2 -4.85 9.83 -7.26
C PRO B 2 -4.65 9.42 -5.80
N ALA B 3 -5.74 9.47 -5.03
CA ALA B 3 -5.70 9.09 -3.63
C ALA B 3 -5.66 7.58 -3.41
N TPO B 4 -4.80 7.13 -2.49
CA TPO B 4 -4.72 5.77 -1.99
CB TPO B 4 -3.62 4.93 -2.63
CG2 TPO B 4 -3.81 4.73 -4.11
OG1 TPO B 4 -2.36 5.73 -2.40
P TPO B 4 -0.91 5.07 -2.68
O1P TPO B 4 -0.66 5.12 -4.16
O2P TPO B 4 0.03 5.98 -1.88
O3P TPO B 4 -0.94 3.63 -2.18
C TPO B 4 -4.61 5.85 -0.49
O TPO B 4 -4.21 6.89 0.06
N VAL B 5 -4.92 4.75 0.20
CA VAL B 5 -4.81 4.67 1.64
C VAL B 5 -4.01 3.48 2.13
C4 A1I0P C . -10.89 6.48 7.91
C14 A1I0P C . -7.11 2.01 9.01
C5 A1I0P C . -9.97 5.42 7.87
C6 A1I0P C . -8.80 3.61 8.13
C11 A1I0P C . -8.16 -2.29 11.18
C7 A1I0P C . -8.44 2.31 8.76
C8 A1I0P C . -9.41 1.43 9.19
C9 A1I0P C . -9.07 0.23 9.80
C10 A1I0P C . -7.73 -0.10 10.00
C12 A1I0P C . -7.46 -3.24 12.14
C13 A1I0P C . -6.75 0.82 9.62
N1 A1I0P C . -9.89 4.29 8.59
N2 A1I0P C . -7.37 -1.31 10.67
C3 A1I0P C . -10.73 7.51 7.05
N3 A1I0P C . -7.08 4.00 6.31
C1 A1I0P C . -9.52 8.70 5.17
C2 A1I0P C . -9.66 7.55 6.12
O1 A1I0P C . -9.37 -2.36 11.03
C15 A1I0P C . -8.17 4.32 7.10
C16 A1I0P C . -6.82 2.69 5.87
C17 A1I0P C . -5.58 2.13 6.11
C18 A1I0P C . -4.39 2.99 6.74
C19 A1I0P C . -5.38 0.83 5.68
C20 A1I0P C . -6.37 0.09 5.06
C21 A1I0P C . -7.63 0.64 4.86
C22 A1I0P C . -7.82 1.95 5.27
CL2 A1I0P C . -9.33 2.71 4.95
N4 A1I0P C . -8.93 5.47 6.96
C23 A1I0P C . -8.80 6.51 6.08
CA CA D . 9.28 -12.50 25.38
CA CA E . -4.91 -17.39 12.77
CA CA F . 15.86 1.56 21.39
#